data_8FIF
#
_entry.id   8FIF
#
_cell.length_a   38.097
_cell.length_b   101.317
_cell.length_c   102.412
_cell.angle_alpha   90.000
_cell.angle_beta   90.000
_cell.angle_gamma   90.000
#
_symmetry.space_group_name_H-M   'P 21 21 21'
#
loop_
_entity.id
_entity.type
_entity.pdbx_description
1 polymer 'Single Domain Camelid Nanobody VHH A2.3'
2 polymer Microcystin-LR
3 water water
#
loop_
_entity_poly.entity_id
_entity_poly.type
_entity_poly.pdbx_seq_one_letter_code
_entity_poly.pdbx_strand_id
1 'polypeptide(L)'
;MAQVTLKESGGGLVQPGGSLRLSCAASGGISRVNVAGWYRQAPGQQREMVAVIRSGGRINYADFVKGRFTFSRDDAKQTI
YLQMDNLKSEDTAVYYCYGSLLETGTFQYREYWGQGTQVTVSSHHHHHH
;
A,B,C
2 'polypeptide(L)' (DAL)L(ACB)R(1ZN)(FGA)(MAA) D,F,G
#
loop_
_chem_comp.id
_chem_comp.type
_chem_comp.name
_chem_comp.formula
1ZN peptide-like '(2S,3S,4E,6E,8S,9S)-3-amino-9-methoxy-2,6,8-trimethyl-10-phenyldeca-4,6-dienoic acid' 'C20 H29 N O3'
ACB D-beta-peptide, C-gamma linking '3-METHYL-BETA-D-ASPARTIC ACID' 'C5 H9 N O4'
FGA D-gamma-peptide, C-delta linking 'GAMMA-D-GLUTAMIC ACID' 'C5 H9 N O4'
#
# COMPACT_ATOMS: atom_id res chain seq x y z
N VAL A 4 -10.77 5.88 8.75
CA VAL A 4 -10.04 5.04 9.76
C VAL A 4 -8.55 5.36 9.81
N THR A 5 -8.05 5.80 10.97
CA THR A 5 -6.63 5.99 11.16
C THR A 5 -6.02 4.87 12.03
N LEU A 6 -4.69 4.74 11.96
CA LEU A 6 -3.96 3.78 12.76
C LEU A 6 -2.82 4.52 13.45
N LYS A 7 -2.80 4.43 14.80
CA LYS A 7 -1.78 5.03 15.66
C LYS A 7 -1.00 3.93 16.36
N GLU A 8 0.31 4.14 16.42
CA GLU A 8 1.20 3.20 17.05
C GLU A 8 1.65 3.83 18.34
N SER A 9 1.98 2.98 19.33
CA SER A 9 2.85 3.40 20.43
C SER A 9 3.82 2.26 20.78
N GLY A 10 4.75 2.62 21.69
CA GLY A 10 5.82 1.73 22.11
C GLY A 10 7.01 1.80 21.16
N GLY A 11 7.74 0.69 21.11
CA GLY A 11 9.06 0.71 20.52
C GLY A 11 10.04 1.36 21.47
N GLY A 12 11.28 1.53 20.98
CA GLY A 12 12.36 2.14 21.75
C GLY A 12 13.68 1.38 21.62
N LEU A 13 14.60 1.70 22.53
CA LEU A 13 15.93 1.14 22.55
C LEU A 13 15.97 0.11 23.68
N VAL A 14 16.40 -1.11 23.37
CA VAL A 14 16.71 -2.08 24.41
C VAL A 14 18.00 -2.78 24.08
N GLN A 15 18.70 -3.30 25.10
CA GLN A 15 19.84 -4.17 24.92
C GLN A 15 19.31 -5.54 24.54
N PRO A 16 20.07 -6.30 23.73
CA PRO A 16 19.72 -7.69 23.39
C PRO A 16 19.21 -8.50 24.57
N GLY A 17 18.36 -9.50 24.27
CA GLY A 17 17.71 -10.35 25.25
C GLY A 17 16.51 -9.67 25.88
N GLY A 18 16.40 -8.35 25.66
CA GLY A 18 15.43 -7.52 26.32
C GLY A 18 14.08 -7.57 25.62
N SER A 19 13.13 -6.77 26.17
CA SER A 19 11.75 -6.86 25.76
C SER A 19 11.17 -5.47 25.49
N LEU A 20 10.21 -5.43 24.55
CA LEU A 20 9.49 -4.25 24.10
C LEU A 20 8.10 -4.70 23.72
N ARG A 21 7.14 -3.79 23.86
CA ARG A 21 5.76 -4.02 23.45
C ARG A 21 5.44 -3.01 22.35
N LEU A 22 4.70 -3.45 21.33
CA LEU A 22 4.16 -2.51 20.38
C LEU A 22 2.64 -2.54 20.51
N SER A 23 2.01 -1.36 20.30
CA SER A 23 0.56 -1.29 20.13
C SER A 23 0.15 -0.40 18.94
N CYS A 24 -1.08 -0.67 18.49
CA CYS A 24 -1.69 -0.03 17.36
C CYS A 24 -3.21 0.07 17.59
N ALA A 25 -3.69 1.30 17.53
CA ALA A 25 -5.08 1.62 17.85
C ALA A 25 -5.74 2.18 16.60
N ALA A 26 -6.85 1.54 16.19
CA ALA A 26 -7.67 1.99 15.09
C ALA A 26 -8.81 2.89 15.61
N SER A 27 -8.69 4.18 15.25
CA SER A 27 -9.82 5.11 15.27
C SER A 27 -10.67 4.96 14.01
N GLY A 28 -12.01 4.91 14.20
CA GLY A 28 -12.96 4.89 13.10
C GLY A 28 -13.71 3.58 13.12
N GLY A 29 -14.79 3.48 12.34
CA GLY A 29 -15.75 2.38 12.49
C GLY A 29 -15.31 1.18 11.67
N ILE A 30 -15.51 -0.01 12.21
CA ILE A 30 -14.97 -1.22 11.60
C ILE A 30 -15.99 -2.34 11.70
N SER A 31 -16.60 -2.60 10.56
CA SER A 31 -17.57 -3.66 10.49
C SER A 31 -16.86 -5.00 10.58
N ARG A 32 -15.75 -5.19 9.85
CA ARG A 32 -15.00 -6.45 9.92
C ARG A 32 -13.52 -6.28 9.58
N VAL A 33 -12.74 -7.33 9.92
CA VAL A 33 -11.29 -7.42 9.77
C VAL A 33 -10.84 -8.65 8.96
N ASN A 34 -10.01 -8.38 7.95
CA ASN A 34 -9.54 -9.43 7.06
C ASN A 34 -8.13 -9.85 7.47
N VAL A 35 -7.22 -8.88 7.59
CA VAL A 35 -5.97 -9.17 8.28
C VAL A 35 -5.61 -7.92 9.05
N ALA A 36 -4.97 -8.12 10.21
CA ALA A 36 -4.35 -7.05 10.96
C ALA A 36 -2.99 -7.53 11.43
N GLY A 37 -2.06 -6.59 11.65
CA GLY A 37 -0.84 -6.97 12.33
C GLY A 37 0.35 -6.10 11.98
N TRP A 38 1.52 -6.74 11.90
CA TRP A 38 2.75 -5.99 11.86
C TRP A 38 3.67 -6.49 10.72
N TYR A 39 4.28 -5.50 10.01
CA TYR A 39 5.44 -5.67 9.13
C TYR A 39 6.60 -4.89 9.72
N ARG A 40 7.79 -5.06 9.12
CA ARG A 40 8.95 -4.25 9.46
C ARG A 40 9.93 -4.14 8.30
N GLN A 41 10.77 -3.09 8.41
CA GLN A 41 11.77 -2.72 7.44
C GLN A 41 13.04 -2.16 8.09
N ALA A 42 14.15 -2.89 7.94
CA ALA A 42 15.45 -2.39 8.35
C ALA A 42 15.98 -1.50 7.24
N PRO A 43 16.73 -0.41 7.55
CA PRO A 43 17.31 0.47 6.56
C PRO A 43 18.05 -0.32 5.48
N GLY A 44 17.61 -0.20 4.23
CA GLY A 44 18.28 -0.84 3.11
C GLY A 44 17.52 -2.10 2.66
N GLN A 45 16.86 -2.76 3.61
CA GLN A 45 16.13 -4.00 3.33
C GLN A 45 14.74 -3.64 2.87
N GLN A 46 13.99 -4.68 2.50
CA GLN A 46 12.63 -4.57 1.99
C GLN A 46 11.69 -4.94 3.13
N ARG A 47 10.49 -4.38 3.10
CA ARG A 47 9.47 -4.62 4.09
C ARG A 47 9.15 -6.11 4.10
N GLU A 48 8.80 -6.62 5.28
CA GLU A 48 8.44 -8.03 5.42
C GLU A 48 7.47 -8.22 6.59
N MET A 49 6.72 -9.31 6.50
CA MET A 49 5.68 -9.61 7.43
C MET A 49 6.35 -10.00 8.75
N VAL A 50 5.77 -9.58 9.90
CA VAL A 50 6.27 -10.01 11.21
C VAL A 50 5.24 -10.93 11.86
N ALA A 51 4.02 -10.40 11.97
CA ALA A 51 2.93 -11.14 12.58
C ALA A 51 1.62 -10.45 12.18
N VAL A 52 0.74 -11.27 11.57
CA VAL A 52 -0.58 -10.86 11.13
C VAL A 52 -1.59 -11.88 11.64
N ILE A 53 -2.77 -11.39 12.00
CA ILE A 53 -3.87 -12.31 12.25
C ILE A 53 -4.75 -12.22 11.01
N ARG A 54 -5.32 -13.33 10.59
CA ARG A 54 -6.22 -13.30 9.46
C ARG A 54 -7.65 -13.54 9.92
N SER A 55 -8.58 -13.27 8.98
CA SER A 55 -10.00 -13.40 9.16
C SER A 55 -10.29 -14.75 9.78
N GLY A 56 -9.67 -15.79 9.22
CA GLY A 56 -9.66 -17.06 9.92
C GLY A 56 -9.76 -16.86 11.44
N GLY A 57 -8.78 -16.15 12.00
CA GLY A 57 -8.43 -16.22 13.41
C GLY A 57 -6.96 -16.64 13.55
N ARG A 58 -6.42 -17.27 12.50
CA ARG A 58 -5.04 -17.75 12.47
C ARG A 58 -4.05 -16.59 12.54
N ILE A 59 -2.99 -16.86 13.30
CA ILE A 59 -1.92 -15.92 13.49
C ILE A 59 -0.66 -16.52 12.89
N ASN A 60 -0.09 -15.81 11.92
CA ASN A 60 1.10 -16.25 11.22
C ASN A 60 2.26 -15.39 11.67
N TYR A 61 3.35 -16.02 12.15
CA TYR A 61 4.59 -15.32 12.46
C TYR A 61 5.63 -15.58 11.39
N ALA A 62 6.54 -14.63 11.21
CA ALA A 62 7.63 -14.80 10.28
C ALA A 62 8.49 -15.95 10.74
N ASP A 63 9.24 -16.51 9.80
CA ASP A 63 10.16 -17.58 10.10
C ASP A 63 11.08 -17.10 11.22
N PHE A 64 11.49 -15.83 11.16
CA PHE A 64 12.48 -15.31 12.09
C PHE A 64 11.95 -15.04 13.51
N VAL A 65 10.70 -15.33 13.83
CA VAL A 65 10.18 -14.94 15.13
C VAL A 65 10.45 -16.02 16.16
N LYS A 66 10.33 -17.28 15.73
CA LYS A 66 10.78 -18.40 16.56
C LYS A 66 10.24 -18.30 17.99
N GLY A 67 8.94 -18.14 18.11
CA GLY A 67 8.31 -18.18 19.42
C GLY A 67 8.59 -16.94 20.28
N ARG A 68 9.38 -15.99 19.81
CA ARG A 68 9.83 -14.93 20.70
C ARG A 68 8.80 -13.82 20.77
N PHE A 69 7.95 -13.67 19.73
CA PHE A 69 6.96 -12.61 19.76
C PHE A 69 5.56 -13.16 19.92
N THR A 70 4.70 -12.40 20.64
CA THR A 70 3.34 -12.84 20.88
C THR A 70 2.31 -11.80 20.46
N PHE A 71 1.38 -12.20 19.57
CA PHE A 71 0.29 -11.36 19.12
C PHE A 71 -0.92 -11.52 20.06
N SER A 72 -1.55 -10.35 20.35
CA SER A 72 -2.78 -10.25 21.12
C SER A 72 -3.50 -8.96 20.71
N ARG A 73 -4.70 -8.73 21.24
CA ARG A 73 -5.60 -7.75 20.64
C ARG A 73 -6.84 -7.55 21.50
N ASP A 74 -7.39 -6.32 21.50
CA ASP A 74 -8.53 -5.96 22.33
C ASP A 74 -9.59 -5.42 21.40
N ASP A 75 -10.59 -6.24 21.07
CA ASP A 75 -11.54 -5.83 20.05
C ASP A 75 -12.26 -4.56 20.47
N ALA A 76 -12.50 -4.35 21.78
CA ALA A 76 -13.36 -3.23 22.12
C ALA A 76 -12.53 -1.95 22.08
N LYS A 77 -11.28 -2.06 22.51
CA LYS A 77 -10.39 -0.91 22.44
C LYS A 77 -9.81 -0.78 21.03
N GLN A 78 -10.19 -1.69 20.13
CA GLN A 78 -9.72 -1.70 18.76
C GLN A 78 -8.19 -1.63 18.80
N THR A 79 -7.56 -2.47 19.64
CA THR A 79 -6.12 -2.42 19.77
C THR A 79 -5.50 -3.80 19.59
N ILE A 80 -4.37 -3.81 18.90
CA ILE A 80 -3.57 -5.01 18.75
C ILE A 80 -2.24 -4.73 19.43
N TYR A 81 -1.63 -5.82 19.86
CA TYR A 81 -0.37 -5.71 20.59
C TYR A 81 0.55 -6.76 19.99
N LEU A 82 1.84 -6.45 20.00
CA LEU A 82 2.91 -7.41 19.82
C LEU A 82 3.87 -7.27 20.98
N GLN A 83 3.96 -8.33 21.79
CA GLN A 83 4.93 -8.47 22.85
C GLN A 83 6.14 -9.12 22.19
N MET A 84 7.25 -8.40 22.25
CA MET A 84 8.50 -8.82 21.65
C MET A 84 9.53 -9.13 22.75
N ASP A 85 9.98 -10.41 22.86
CA ASP A 85 10.97 -10.85 23.83
C ASP A 85 12.21 -11.45 23.15
N ASN A 86 13.28 -11.50 23.93
CA ASN A 86 14.56 -11.99 23.46
C ASN A 86 14.89 -11.24 22.16
N LEU A 87 14.86 -9.91 22.26
CA LEU A 87 15.18 -9.04 21.13
C LEU A 87 16.67 -9.18 20.80
N LYS A 88 16.97 -9.27 19.51
CA LYS A 88 18.33 -9.33 18.99
C LYS A 88 18.64 -8.03 18.26
N SER A 89 19.91 -7.77 17.99
CA SER A 89 20.28 -6.53 17.29
C SER A 89 19.73 -6.55 15.87
N GLU A 90 19.51 -7.75 15.33
CA GLU A 90 19.11 -7.91 13.93
C GLU A 90 17.61 -7.62 13.77
N ASP A 91 16.88 -7.37 14.89
CA ASP A 91 15.46 -7.01 14.86
C ASP A 91 15.27 -5.48 14.82
N THR A 92 16.40 -4.77 14.87
CA THR A 92 16.38 -3.34 14.63
C THR A 92 15.73 -3.05 13.27
N ALA A 93 14.68 -2.23 13.30
CA ALA A 93 13.90 -1.93 12.11
C ALA A 93 12.80 -0.93 12.47
N VAL A 94 12.21 -0.34 11.43
CA VAL A 94 10.96 0.38 11.57
C VAL A 94 9.86 -0.66 11.51
N TYR A 95 8.91 -0.57 12.46
CA TYR A 95 7.78 -1.47 12.49
C TYR A 95 6.53 -0.68 12.14
N TYR A 96 5.71 -1.34 11.33
CA TYR A 96 4.55 -0.73 10.74
C TYR A 96 3.40 -1.65 11.05
N CYS A 97 2.45 -1.09 11.82
CA CYS A 97 1.10 -1.59 11.96
C CYS A 97 0.39 -1.66 10.62
N TYR A 98 -0.54 -2.61 10.47
CA TYR A 98 -1.21 -2.78 9.20
C TYR A 98 -2.57 -3.40 9.35
N GLY A 99 -3.53 -2.91 8.54
CA GLY A 99 -4.89 -3.46 8.55
C GLY A 99 -5.46 -3.58 7.14
N SER A 100 -6.11 -4.71 6.85
CA SER A 100 -7.02 -4.82 5.74
C SER A 100 -8.43 -4.99 6.30
N LEU A 101 -9.23 -3.91 6.18
CA LEU A 101 -10.46 -3.62 6.93
C LEU A 101 -11.61 -3.13 6.04
N LEU A 102 -12.82 -3.59 6.38
CA LEU A 102 -14.09 -2.95 6.02
C LEU A 102 -14.44 -1.82 7.01
N GLU A 103 -14.47 -0.56 6.54
CA GLU A 103 -15.18 0.47 7.28
C GLU A 103 -16.66 0.07 7.29
N THR A 104 -17.40 0.68 8.23
CA THR A 104 -18.76 0.31 8.59
C THR A 104 -19.64 -0.14 7.41
N GLY A 105 -19.97 0.83 6.54
CA GLY A 105 -20.96 0.63 5.50
C GLY A 105 -20.36 0.04 4.22
N THR A 106 -19.15 0.49 3.84
CA THR A 106 -18.50 0.12 2.59
C THR A 106 -18.37 -1.40 2.50
N PHE A 107 -18.13 -1.94 1.28
CA PHE A 107 -18.04 -3.37 1.06
C PHE A 107 -16.77 -3.74 0.31
N GLN A 108 -15.95 -2.70 0.08
CA GLN A 108 -14.61 -2.78 -0.48
C GLN A 108 -13.63 -2.67 0.67
N TYR A 109 -12.96 -3.79 0.97
CA TYR A 109 -11.80 -3.81 1.86
C TYR A 109 -10.81 -2.79 1.37
N ARG A 110 -10.21 -2.03 2.30
CA ARG A 110 -9.07 -1.19 1.98
C ARG A 110 -7.93 -1.53 2.96
N GLU A 111 -6.71 -1.17 2.57
CA GLU A 111 -5.55 -1.34 3.42
C GLU A 111 -5.22 -0.04 4.16
N TYR A 112 -4.74 -0.20 5.40
CA TYR A 112 -4.21 0.93 6.14
C TYR A 112 -2.87 0.51 6.70
N TRP A 113 -2.02 1.52 6.82
CA TRP A 113 -0.68 1.43 7.35
C TRP A 113 -0.59 2.44 8.48
N GLY A 114 0.01 2.06 9.61
CA GLY A 114 0.43 3.07 10.57
C GLY A 114 1.69 3.72 10.04
N GLN A 115 2.13 4.80 10.68
CA GLN A 115 3.22 5.61 10.19
C GLN A 115 4.59 5.08 10.62
N GLY A 116 4.66 3.90 11.27
CA GLY A 116 5.90 3.28 11.69
C GLY A 116 6.45 3.68 13.06
N THR A 117 7.10 2.70 13.73
CA THR A 117 7.69 2.87 15.06
C THR A 117 9.12 2.34 15.08
N GLN A 118 10.02 3.09 15.71
CA GLN A 118 11.42 2.67 15.70
C GLN A 118 11.69 1.65 16.80
N VAL A 119 12.44 0.61 16.44
CA VAL A 119 12.83 -0.41 17.38
C VAL A 119 14.30 -0.67 17.12
N THR A 120 15.12 -0.29 18.12
CA THR A 120 16.58 -0.34 18.12
C THR A 120 17.05 -1.31 19.21
N VAL A 121 17.89 -2.31 18.87
CA VAL A 121 18.38 -3.25 19.86
C VAL A 121 19.91 -3.29 19.81
N SER A 122 20.58 -2.72 20.83
CA SER A 122 22.02 -2.51 20.71
C SER A 122 22.78 -2.94 21.98
N SER A 123 23.24 -2.03 22.85
CA SER A 123 24.33 -2.31 23.81
C SER A 123 24.97 -0.97 24.20
N VAL B 4 0.40 1.00 -12.10
CA VAL B 4 -0.98 0.46 -12.35
C VAL B 4 -1.61 0.09 -11.02
N THR B 5 -2.94 0.30 -10.92
CA THR B 5 -3.69 0.22 -9.67
C THR B 5 -5.06 -0.36 -9.95
N LEU B 6 -5.60 -1.16 -9.03
CA LEU B 6 -6.90 -1.77 -9.19
C LEU B 6 -7.85 -1.25 -8.12
N LYS B 7 -8.99 -0.67 -8.52
CA LYS B 7 -10.11 -0.45 -7.61
C LYS B 7 -11.22 -1.44 -7.91
N GLU B 8 -11.62 -2.27 -6.93
CA GLU B 8 -12.79 -3.12 -7.03
C GLU B 8 -14.02 -2.29 -6.63
N SER B 9 -15.18 -2.64 -7.20
CA SER B 9 -16.45 -2.00 -6.88
C SER B 9 -17.48 -3.10 -6.99
N GLY B 10 -18.73 -2.76 -6.65
CA GLY B 10 -19.76 -3.76 -6.53
C GLY B 10 -19.52 -4.58 -5.26
N GLY B 11 -20.13 -5.76 -5.14
CA GLY B 11 -20.09 -6.44 -3.85
C GLY B 11 -20.96 -5.73 -2.81
N GLY B 12 -21.31 -6.48 -1.74
CA GLY B 12 -22.38 -6.09 -0.85
C GLY B 12 -23.05 -7.31 -0.25
N LEU B 13 -24.36 -7.17 0.08
CA LEU B 13 -25.08 -8.09 0.96
C LEU B 13 -26.43 -8.47 0.33
N VAL B 14 -26.66 -9.79 0.18
CA VAL B 14 -27.87 -10.36 -0.40
C VAL B 14 -28.02 -11.78 0.14
N GLN B 15 -29.20 -12.40 -0.09
CA GLN B 15 -29.49 -13.76 0.41
C GLN B 15 -29.62 -14.71 -0.78
N PRO B 16 -29.63 -16.06 -0.61
CA PRO B 16 -29.46 -16.96 -1.75
C PRO B 16 -30.51 -16.72 -2.86
N GLY B 17 -30.01 -16.85 -4.11
CA GLY B 17 -30.73 -16.45 -5.30
C GLY B 17 -30.62 -14.96 -5.56
N GLY B 18 -29.57 -14.34 -4.98
CA GLY B 18 -29.31 -12.92 -5.13
C GLY B 18 -28.14 -12.67 -6.09
N SER B 19 -27.97 -11.39 -6.46
CA SER B 19 -27.05 -10.96 -7.50
C SER B 19 -26.20 -9.79 -7.01
N LEU B 20 -24.87 -9.87 -7.30
CA LEU B 20 -23.93 -8.76 -7.27
C LEU B 20 -23.06 -8.80 -8.53
N ARG B 21 -22.45 -7.64 -8.80
CA ARG B 21 -21.78 -7.35 -10.05
C ARG B 21 -20.51 -6.59 -9.70
N LEU B 22 -19.37 -7.17 -10.04
CA LEU B 22 -18.10 -6.66 -9.57
C LEU B 22 -17.44 -5.88 -10.69
N SER B 23 -17.12 -4.62 -10.45
CA SER B 23 -16.17 -3.93 -11.32
C SER B 23 -14.77 -4.09 -10.73
N CYS B 24 -13.80 -4.27 -11.62
CA CYS B 24 -12.41 -4.09 -11.25
C CYS B 24 -11.81 -3.23 -12.34
N ALA B 25 -11.35 -2.02 -11.98
CA ALA B 25 -10.94 -1.04 -12.96
C ALA B 25 -9.45 -0.75 -12.78
N ALA B 26 -8.73 -0.75 -13.90
CA ALA B 26 -7.30 -0.60 -13.88
C ALA B 26 -6.96 0.77 -14.42
N SER B 27 -6.30 1.59 -13.61
CA SER B 27 -5.70 2.82 -14.09
C SER B 27 -4.46 2.43 -14.89
N GLY B 28 -3.68 3.40 -15.36
CA GLY B 28 -2.33 3.18 -15.87
C GLY B 28 -2.31 2.61 -17.28
N GLY B 29 -1.13 2.71 -17.92
CA GLY B 29 -0.88 2.13 -19.24
C GLY B 29 -0.83 0.60 -19.23
N ILE B 30 -1.41 -0.04 -20.24
CA ILE B 30 -1.33 -1.48 -20.38
C ILE B 30 -1.19 -1.87 -21.85
N SER B 31 -0.11 -2.56 -22.22
CA SER B 31 -0.05 -3.12 -23.55
C SER B 31 -0.84 -4.42 -23.67
N ARG B 32 -0.93 -5.23 -22.60
CA ARG B 32 -1.27 -6.64 -22.76
C ARG B 32 -1.52 -7.36 -21.43
N VAL B 33 -2.38 -8.39 -21.50
CA VAL B 33 -2.92 -9.05 -20.33
C VAL B 33 -2.70 -10.55 -20.42
N ASN B 34 -1.83 -11.03 -19.54
CA ASN B 34 -1.50 -12.44 -19.47
C ASN B 34 -2.64 -13.17 -18.80
N VAL B 35 -3.06 -12.63 -17.65
CA VAL B 35 -4.26 -13.15 -17.03
C VAL B 35 -4.95 -12.03 -16.25
N ALA B 36 -6.28 -12.11 -16.23
CA ALA B 36 -7.06 -11.22 -15.38
C ALA B 36 -8.19 -12.07 -14.85
N GLY B 37 -8.69 -11.77 -13.63
CA GLY B 37 -9.67 -12.66 -13.00
C GLY B 37 -9.94 -12.37 -11.52
N TRP B 38 -10.60 -13.34 -10.88
CA TRP B 38 -11.03 -13.20 -9.50
C TRP B 38 -10.62 -14.47 -8.77
N TYR B 39 -10.21 -14.31 -7.50
CA TYR B 39 -9.98 -15.44 -6.61
C TYR B 39 -10.92 -15.38 -5.39
N ARG B 40 -11.19 -16.55 -4.80
CA ARG B 40 -11.95 -16.68 -3.57
C ARG B 40 -11.03 -16.89 -2.36
N GLN B 41 -11.36 -16.28 -1.21
CA GLN B 41 -10.75 -16.81 0.00
C GLN B 41 -11.75 -16.92 1.15
N ALA B 42 -12.06 -18.18 1.52
CA ALA B 42 -12.95 -18.46 2.63
C ALA B 42 -12.19 -18.49 3.97
N PRO B 43 -12.73 -17.85 5.03
CA PRO B 43 -12.04 -17.74 6.31
C PRO B 43 -11.35 -19.04 6.71
N GLY B 44 -10.03 -18.98 6.90
CA GLY B 44 -9.27 -20.14 7.32
C GLY B 44 -9.15 -21.22 6.23
N GLN B 45 -9.25 -20.81 4.96
CA GLN B 45 -8.97 -21.77 3.88
C GLN B 45 -8.01 -21.13 2.86
N GLN B 46 -7.36 -22.03 2.12
CA GLN B 46 -6.67 -21.65 0.90
C GLN B 46 -7.56 -20.81 -0.02
N ARG B 47 -7.05 -19.61 -0.32
CA ARG B 47 -7.46 -18.88 -1.51
C ARG B 47 -7.46 -19.82 -2.71
N GLU B 48 -8.37 -19.61 -3.66
CA GLU B 48 -8.46 -20.52 -4.78
C GLU B 48 -9.02 -19.78 -5.99
N MET B 49 -8.83 -20.38 -7.16
CA MET B 49 -9.16 -19.69 -8.40
C MET B 49 -10.65 -19.87 -8.65
N VAL B 50 -11.27 -18.82 -9.20
CA VAL B 50 -12.68 -18.83 -9.57
C VAL B 50 -12.83 -18.59 -11.07
N ALA B 51 -12.56 -17.36 -11.54
CA ALA B 51 -12.77 -17.01 -12.95
C ALA B 51 -11.59 -16.21 -13.52
N VAL B 52 -10.82 -16.80 -14.44
CA VAL B 52 -9.77 -16.02 -15.11
C VAL B 52 -9.85 -16.18 -16.62
N ILE B 53 -9.58 -15.05 -17.31
CA ILE B 53 -9.25 -15.08 -18.72
C ILE B 53 -7.73 -15.14 -18.93
N ARG B 54 -7.24 -16.19 -19.61
CA ARG B 54 -5.87 -16.21 -20.12
C ARG B 54 -5.83 -15.39 -21.40
N SER B 55 -4.65 -15.14 -21.96
CA SER B 55 -4.52 -14.39 -23.21
C SER B 55 -4.90 -15.23 -24.44
N GLY B 56 -4.99 -16.57 -24.30
CA GLY B 56 -5.77 -17.31 -25.28
C GLY B 56 -6.99 -16.47 -25.71
N GLY B 57 -7.72 -15.99 -24.71
CA GLY B 57 -9.15 -15.70 -24.79
C GLY B 57 -9.90 -16.84 -24.10
N ARG B 58 -9.20 -17.95 -23.82
CA ARG B 58 -9.78 -19.12 -23.16
C ARG B 58 -10.11 -18.80 -21.72
N ILE B 59 -11.33 -18.26 -21.50
CA ILE B 59 -11.86 -18.15 -20.16
C ILE B 59 -11.93 -19.55 -19.56
N ASN B 60 -11.63 -19.66 -18.27
CA ASN B 60 -11.74 -20.96 -17.63
C ASN B 60 -12.33 -20.70 -16.24
N TYR B 61 -13.41 -21.44 -15.89
CA TYR B 61 -14.13 -21.23 -14.64
C TYR B 61 -13.72 -22.34 -13.65
N ALA B 62 -13.79 -22.03 -12.34
CA ALA B 62 -13.76 -23.03 -11.29
C ALA B 62 -15.05 -23.85 -11.33
N ASP B 63 -14.98 -25.09 -10.81
CA ASP B 63 -16.11 -26.00 -10.83
C ASP B 63 -17.35 -25.36 -10.19
N PHE B 64 -17.11 -24.73 -9.04
CA PHE B 64 -18.13 -24.05 -8.24
C PHE B 64 -18.90 -23.01 -9.06
N VAL B 65 -18.30 -22.54 -10.17
CA VAL B 65 -19.01 -21.70 -11.11
C VAL B 65 -19.81 -22.62 -12.04
N LYS B 66 -21.11 -22.34 -12.14
CA LYS B 66 -21.89 -22.91 -13.21
C LYS B 66 -22.03 -21.81 -14.24
N GLY B 67 -23.21 -21.70 -14.86
CA GLY B 67 -23.54 -20.54 -15.66
C GLY B 67 -23.80 -19.34 -14.77
N ARG B 68 -23.39 -19.47 -13.49
CA ARG B 68 -23.79 -18.53 -12.47
C ARG B 68 -23.12 -17.18 -12.73
N PHE B 69 -21.78 -17.23 -12.75
CA PHE B 69 -20.94 -16.04 -12.82
C PHE B 69 -20.52 -15.86 -14.30
N THR B 70 -20.43 -14.58 -14.75
CA THR B 70 -20.34 -14.25 -16.18
C THR B 70 -19.32 -13.14 -16.41
N PHE B 71 -18.09 -13.56 -16.79
CA PHE B 71 -16.95 -12.70 -17.04
C PHE B 71 -17.15 -11.88 -18.31
N SER B 72 -16.57 -10.68 -18.32
CA SER B 72 -16.84 -9.71 -19.36
C SER B 72 -15.92 -8.52 -19.17
N ARG B 73 -15.73 -7.70 -20.21
CA ARG B 73 -14.69 -6.70 -20.13
C ARG B 73 -14.99 -5.48 -20.98
N ASP B 74 -14.22 -4.43 -20.70
CA ASP B 74 -14.37 -3.14 -21.32
C ASP B 74 -12.97 -2.57 -21.40
N ASP B 75 -12.43 -2.70 -22.62
CA ASP B 75 -11.01 -2.66 -22.86
C ASP B 75 -10.64 -1.20 -23.08
N ALA B 76 -11.59 -0.40 -23.59
CA ALA B 76 -11.27 1.00 -23.79
C ALA B 76 -11.13 1.64 -22.41
N LYS B 77 -11.95 1.15 -21.47
CA LYS B 77 -12.04 1.75 -20.15
C LYS B 77 -11.14 1.02 -19.14
N GLN B 78 -10.37 0.02 -19.61
CA GLN B 78 -9.52 -0.81 -18.77
C GLN B 78 -10.28 -1.32 -17.54
N THR B 79 -11.52 -1.81 -17.72
CA THR B 79 -12.26 -2.35 -16.59
C THR B 79 -12.72 -3.78 -16.88
N ILE B 80 -12.77 -4.65 -15.85
CA ILE B 80 -13.45 -5.96 -15.92
C ILE B 80 -14.64 -6.00 -14.95
N TYR B 81 -15.43 -7.11 -15.05
CA TYR B 81 -16.74 -7.30 -14.43
C TYR B 81 -16.98 -8.79 -14.30
N LEU B 82 -17.55 -9.19 -13.16
CA LEU B 82 -18.12 -10.52 -12.98
C LEU B 82 -19.49 -10.28 -12.39
N GLN B 83 -20.48 -10.58 -13.25
CA GLN B 83 -21.86 -10.83 -12.89
C GLN B 83 -21.92 -12.17 -12.17
N MET B 84 -22.37 -12.09 -10.91
CA MET B 84 -22.47 -13.20 -9.98
C MET B 84 -23.94 -13.37 -9.62
N ASP B 85 -24.63 -14.21 -10.41
CA ASP B 85 -26.03 -14.54 -10.20
C ASP B 85 -26.16 -15.78 -9.33
N ASN B 86 -27.32 -15.83 -8.64
CA ASN B 86 -27.75 -16.97 -7.86
C ASN B 86 -26.76 -17.25 -6.74
N LEU B 87 -26.20 -16.18 -6.15
CA LEU B 87 -25.22 -16.26 -5.07
C LEU B 87 -25.72 -17.21 -3.98
N LYS B 88 -24.80 -17.84 -3.24
CA LYS B 88 -25.19 -18.69 -2.12
C LYS B 88 -24.27 -18.44 -0.92
N SER B 89 -24.69 -18.92 0.26
CA SER B 89 -23.90 -18.71 1.48
C SER B 89 -22.64 -19.58 1.46
N GLU B 90 -22.77 -20.80 0.91
CA GLU B 90 -21.71 -21.81 0.91
C GLU B 90 -20.57 -21.45 -0.05
N ASP B 91 -20.66 -20.29 -0.73
CA ASP B 91 -19.66 -19.77 -1.65
C ASP B 91 -19.07 -18.47 -1.13
N THR B 92 -19.85 -17.62 -0.44
CA THR B 92 -19.39 -16.35 0.11
C THR B 92 -17.98 -16.47 0.66
N ALA B 93 -17.22 -15.38 0.53
CA ALA B 93 -15.83 -15.33 0.91
C ALA B 93 -15.33 -13.90 0.76
N VAL B 94 -14.00 -13.74 0.72
CA VAL B 94 -13.41 -12.51 0.20
C VAL B 94 -13.11 -12.77 -1.27
N TYR B 95 -13.39 -11.76 -2.10
CA TYR B 95 -13.25 -11.88 -3.54
C TYR B 95 -12.20 -10.88 -3.97
N TYR B 96 -11.16 -11.37 -4.65
CA TYR B 96 -10.08 -10.50 -5.07
C TYR B 96 -9.94 -10.57 -6.59
N CYS B 97 -10.04 -9.38 -7.17
CA CYS B 97 -9.54 -9.08 -8.48
C CYS B 97 -8.07 -9.49 -8.55
N TYR B 98 -7.61 -9.82 -9.78
CA TYR B 98 -6.27 -10.30 -10.05
C TYR B 98 -5.82 -9.88 -11.45
N GLY B 99 -4.65 -9.26 -11.53
CA GLY B 99 -4.05 -8.90 -12.81
C GLY B 99 -2.60 -9.37 -12.93
N SER B 100 -2.29 -10.15 -13.99
CA SER B 100 -0.93 -10.29 -14.51
C SER B 100 -0.82 -9.59 -15.86
N LEU B 101 -0.14 -8.44 -15.88
CA LEU B 101 -0.29 -7.40 -16.90
C LEU B 101 1.07 -6.93 -17.38
N LEU B 102 1.11 -6.34 -18.58
CA LEU B 102 2.34 -5.77 -19.09
C LEU B 102 2.14 -4.26 -19.22
N GLU B 103 2.86 -3.44 -18.44
CA GLU B 103 2.74 -1.98 -18.58
C GLU B 103 3.39 -1.57 -19.89
N THR B 104 3.18 -0.31 -20.28
CA THR B 104 3.47 0.13 -21.64
C THR B 104 4.95 -0.04 -21.98
N GLY B 105 5.81 0.45 -21.08
CA GLY B 105 7.22 0.61 -21.45
C GLY B 105 8.11 -0.53 -20.94
N THR B 106 7.55 -1.71 -20.70
CA THR B 106 8.31 -2.80 -20.12
C THR B 106 7.90 -4.12 -20.77
N PHE B 107 8.75 -5.13 -20.57
CA PHE B 107 8.48 -6.49 -21.02
C PHE B 107 8.40 -7.43 -19.83
N GLN B 108 8.56 -6.91 -18.61
CA GLN B 108 8.31 -7.71 -17.41
C GLN B 108 6.82 -7.55 -17.07
N TYR B 109 6.12 -8.69 -17.04
CA TYR B 109 4.77 -8.77 -16.52
C TYR B 109 4.83 -8.46 -15.02
N ARG B 110 3.68 -8.07 -14.42
CA ARG B 110 3.61 -7.84 -12.98
C ARG B 110 2.24 -8.25 -12.46
N GLU B 111 2.24 -8.91 -11.31
CA GLU B 111 1.00 -9.32 -10.68
C GLU B 111 0.42 -8.24 -9.80
N TYR B 112 -0.91 -8.03 -9.88
CA TYR B 112 -1.62 -7.12 -8.99
C TYR B 112 -2.84 -7.83 -8.46
N TRP B 113 -3.20 -7.45 -7.23
CA TRP B 113 -4.36 -7.93 -6.51
C TRP B 113 -5.16 -6.71 -6.08
N GLY B 114 -6.48 -6.82 -6.11
CA GLY B 114 -7.28 -5.80 -5.47
C GLY B 114 -7.34 -6.04 -3.95
N GLN B 115 -7.76 -5.01 -3.22
CA GLN B 115 -7.77 -5.07 -1.77
C GLN B 115 -8.79 -6.06 -1.23
N GLY B 116 -9.55 -6.72 -2.08
CA GLY B 116 -10.63 -7.55 -1.59
C GLY B 116 -12.00 -6.85 -1.64
N THR B 117 -13.04 -7.70 -1.69
CA THR B 117 -14.42 -7.27 -1.80
C THR B 117 -15.26 -8.27 -1.01
N GLN B 118 -16.03 -7.70 -0.06
CA GLN B 118 -16.80 -8.54 0.82
C GLN B 118 -18.08 -8.88 0.08
N VAL B 119 -18.29 -10.20 0.03
CA VAL B 119 -19.41 -10.85 -0.60
C VAL B 119 -20.09 -11.64 0.49
N THR B 120 -21.35 -11.26 0.79
CA THR B 120 -22.14 -11.80 1.90
C THR B 120 -23.56 -12.20 1.42
N SER B 122 -23.45 -15.09 1.46
CA SER B 122 -24.92 -15.13 1.21
C SER B 122 -25.29 -14.32 -0.05
N VAL C 4 7.28 20.08 13.49
CA VAL C 4 8.06 20.34 12.22
C VAL C 4 7.12 20.92 11.15
N THR C 5 7.52 22.02 10.47
CA THR C 5 6.81 22.48 9.28
C THR C 5 7.67 22.24 8.02
N LEU C 6 7.02 22.00 6.87
CA LEU C 6 7.64 21.93 5.57
C LEU C 6 7.28 23.15 4.73
N LYS C 7 8.27 23.80 4.11
CA LYS C 7 7.97 24.90 3.21
C LYS C 7 8.57 24.60 1.83
N GLU C 8 7.74 24.74 0.78
CA GLU C 8 8.18 24.48 -0.59
C GLU C 8 8.57 25.81 -1.23
N SER C 9 9.58 25.74 -2.11
CA SER C 9 9.88 26.79 -3.06
C SER C 9 10.03 26.15 -4.42
N GLY C 10 10.01 27.03 -5.43
CA GLY C 10 10.27 26.64 -6.79
C GLY C 10 8.96 26.38 -7.50
N GLY C 11 9.01 25.68 -8.64
CA GLY C 11 7.77 25.44 -9.36
C GLY C 11 7.65 26.38 -10.55
N GLY C 12 6.49 26.37 -11.20
CA GLY C 12 6.19 27.36 -12.21
C GLY C 12 5.86 26.74 -13.56
N LEU C 13 6.19 27.52 -14.60
CA LEU C 13 5.67 27.32 -15.93
C LEU C 13 6.88 27.30 -16.85
N VAL C 14 6.89 26.30 -17.73
CA VAL C 14 7.95 26.17 -18.72
C VAL C 14 7.37 25.42 -19.91
N GLN C 15 8.18 25.43 -20.97
CA GLN C 15 7.85 24.77 -22.21
C GLN C 15 8.50 23.37 -22.24
N PRO C 16 7.91 22.44 -22.99
CA PRO C 16 8.54 21.13 -23.14
C PRO C 16 9.98 21.25 -23.59
N GLY C 17 10.85 20.51 -22.89
CA GLY C 17 12.29 20.59 -23.01
C GLY C 17 12.90 21.34 -21.84
N GLY C 18 12.06 22.14 -21.17
CA GLY C 18 12.58 23.03 -20.14
C GLY C 18 12.79 22.30 -18.81
N SER C 19 13.30 23.09 -17.87
CA SER C 19 13.77 22.71 -16.56
C SER C 19 13.04 23.55 -15.52
N LEU C 20 12.94 23.00 -14.28
CA LEU C 20 12.49 23.69 -13.09
C LEU C 20 13.14 22.98 -11.92
N ARG C 21 13.11 23.64 -10.77
CA ARG C 21 13.73 23.12 -9.56
C ARG C 21 12.71 23.28 -8.45
N LEU C 22 12.57 22.23 -7.64
CA LEU C 22 11.80 22.36 -6.40
C LEU C 22 12.72 22.24 -5.21
N SER C 23 12.41 22.96 -4.15
CA SER C 23 13.09 22.70 -2.89
C SER C 23 12.08 22.57 -1.76
N CYS C 24 12.48 21.83 -0.73
CA CYS C 24 11.66 21.82 0.47
C CYS C 24 12.53 21.97 1.71
N ALA C 25 12.18 22.91 2.61
CA ALA C 25 12.83 23.11 3.90
C ALA C 25 11.96 22.62 5.07
N ALA C 26 12.57 21.89 5.99
CA ALA C 26 11.90 21.57 7.24
C ALA C 26 12.28 22.58 8.33
N SER C 27 11.31 22.89 9.19
CA SER C 27 11.58 23.58 10.45
C SER C 27 11.22 22.68 11.59
N GLY C 28 12.07 22.77 12.63
CA GLY C 28 11.96 21.96 13.83
C GLY C 28 12.89 20.75 13.83
N GLY C 29 12.93 20.14 15.00
CA GLY C 29 13.91 19.13 15.33
C GLY C 29 13.52 17.77 14.76
N ILE C 30 14.56 17.09 14.27
CA ILE C 30 14.48 15.84 13.57
C ILE C 30 15.70 15.00 13.96
N SER C 31 15.45 13.85 14.56
CA SER C 31 16.51 12.90 14.89
C SER C 31 16.86 12.10 13.63
N ARG C 32 15.96 11.23 13.20
CA ARG C 32 16.19 10.45 12.00
C ARG C 32 15.09 10.64 10.96
N VAL C 33 15.52 10.60 9.68
CA VAL C 33 14.61 10.61 8.53
C VAL C 33 14.45 9.19 8.00
N ASN C 34 13.20 8.72 7.92
CA ASN C 34 12.86 7.42 7.41
C ASN C 34 12.64 7.52 5.91
N VAL C 35 11.83 8.50 5.47
CA VAL C 35 11.64 8.81 4.05
C VAL C 35 11.47 10.32 3.85
N ALA C 36 11.99 10.78 2.71
CA ALA C 36 11.90 12.17 2.29
C ALA C 36 11.92 12.20 0.77
N GLY C 37 11.08 13.03 0.17
CA GLY C 37 11.04 13.15 -1.26
C GLY C 37 9.80 13.90 -1.68
N TRP C 38 9.32 13.55 -2.88
CA TRP C 38 8.28 14.30 -3.54
C TRP C 38 7.25 13.35 -4.10
N TYR C 39 5.99 13.83 -4.11
CA TYR C 39 4.85 13.18 -4.75
C TYR C 39 4.14 14.15 -5.66
N ARG C 40 3.44 13.66 -6.67
CA ARG C 40 2.69 14.58 -7.50
C ARG C 40 1.28 14.06 -7.75
N GLN C 41 0.42 14.97 -8.19
CA GLN C 41 -0.97 14.63 -8.44
C GLN C 41 -1.47 15.56 -9.54
N ALA C 42 -1.66 14.98 -10.73
CA ALA C 42 -2.36 15.63 -11.81
C ALA C 42 -3.84 15.78 -11.46
N PRO C 43 -4.55 16.85 -11.93
CA PRO C 43 -6.00 16.96 -11.75
C PRO C 43 -6.75 15.75 -12.30
N GLY C 44 -7.81 15.35 -11.58
CA GLY C 44 -8.58 14.16 -11.90
C GLY C 44 -7.88 12.86 -11.50
N GLN C 45 -6.58 12.91 -11.24
CA GLN C 45 -5.76 11.69 -11.16
C GLN C 45 -5.33 11.39 -9.72
N GLN C 46 -4.80 10.17 -9.57
CA GLN C 46 -4.23 9.69 -8.34
C GLN C 46 -2.82 10.27 -8.19
N ARG C 47 -2.44 10.38 -6.92
CA ARG C 47 -1.16 10.86 -6.47
C ARG C 47 -0.19 9.71 -6.53
N GLU C 48 1.06 10.01 -6.88
CA GLU C 48 2.06 9.00 -7.16
C GLU C 48 3.40 9.49 -6.64
N MET C 49 4.23 8.53 -6.27
CA MET C 49 5.58 8.84 -5.83
C MET C 49 6.38 9.34 -7.05
N VAL C 50 7.28 10.30 -6.78
CA VAL C 50 8.15 10.86 -7.79
C VAL C 50 9.59 10.47 -7.49
N ALA C 51 10.06 10.88 -6.33
CA ALA C 51 11.41 10.58 -5.92
C ALA C 51 11.47 10.70 -4.41
N VAL C 52 11.84 9.59 -3.75
CA VAL C 52 12.15 9.53 -2.33
C VAL C 52 13.53 8.90 -2.11
N ILE C 53 14.17 9.30 -1.01
CA ILE C 53 15.30 8.63 -0.40
C ILE C 53 14.78 7.92 0.86
N ARG C 54 15.23 6.67 1.09
CA ARG C 54 14.95 5.95 2.34
C ARG C 54 16.19 5.96 3.23
N SER C 55 16.09 5.33 4.43
CA SER C 55 17.07 5.55 5.50
C SER C 55 18.38 4.82 5.20
N GLY C 56 18.34 3.76 4.41
CA GLY C 56 19.58 3.21 3.85
C GLY C 56 20.45 4.21 3.09
N GLY C 57 19.86 5.24 2.47
CA GLY C 57 20.61 6.16 1.60
C GLY C 57 20.20 5.93 0.15
N ARG C 58 19.43 4.88 -0.10
CA ARG C 58 18.97 4.55 -1.44
C ARG C 58 17.92 5.56 -1.89
N ILE C 59 18.09 6.10 -3.10
CA ILE C 59 17.13 6.99 -3.75
C ILE C 59 16.33 6.20 -4.78
N ASN C 60 15.02 6.38 -4.72
CA ASN C 60 14.09 5.61 -5.51
C ASN C 60 13.30 6.59 -6.34
N TYR C 61 13.34 6.40 -7.69
CA TYR C 61 12.66 7.19 -8.70
C TYR C 61 11.54 6.40 -9.36
N ALA C 62 10.35 7.01 -9.50
CA ALA C 62 9.24 6.43 -10.23
C ALA C 62 9.61 6.13 -11.69
N ASP C 63 8.86 5.21 -12.33
CA ASP C 63 9.18 4.77 -13.69
C ASP C 63 9.27 5.94 -14.66
N PHE C 64 8.44 6.98 -14.42
CA PHE C 64 8.27 8.01 -15.44
C PHE C 64 9.47 8.94 -15.48
N VAL C 65 10.36 8.85 -14.48
CA VAL C 65 11.39 9.84 -14.33
C VAL C 65 12.40 9.63 -15.46
N LYS C 66 12.86 8.39 -15.67
CA LYS C 66 13.73 8.05 -16.79
C LYS C 66 14.96 8.95 -16.78
N GLY C 67 15.48 9.23 -15.58
CA GLY C 67 16.77 9.90 -15.41
C GLY C 67 16.69 11.42 -15.54
N ARG C 68 15.49 11.97 -15.76
CA ARG C 68 15.34 13.38 -16.07
C ARG C 68 15.39 14.28 -14.83
N PHE C 69 15.14 13.71 -13.63
CA PHE C 69 15.03 14.52 -12.42
C PHE C 69 16.04 14.06 -11.39
N THR C 70 16.64 15.03 -10.73
CA THR C 70 17.75 14.71 -9.85
C THR C 70 17.41 15.11 -8.42
N PHE C 71 17.53 14.13 -7.52
CA PHE C 71 17.28 14.36 -6.11
C PHE C 71 18.60 14.75 -5.47
N SER C 72 18.54 15.63 -4.48
CA SER C 72 19.67 15.90 -3.63
C SER C 72 19.18 16.52 -2.32
N ARG C 73 20.08 16.71 -1.36
CA ARG C 73 19.67 16.99 0.01
C ARG C 73 20.77 17.82 0.64
N ASP C 74 20.39 18.67 1.61
CA ASP C 74 21.35 19.48 2.35
C ASP C 74 20.98 19.42 3.81
N ASP C 75 21.51 18.40 4.50
CA ASP C 75 21.12 18.05 5.85
C ASP C 75 21.18 19.28 6.76
N ALA C 76 22.19 20.13 6.59
CA ALA C 76 22.33 21.27 7.49
C ALA C 76 21.16 22.23 7.30
N LYS C 77 20.86 22.58 6.04
CA LYS C 77 19.72 23.46 5.78
C LYS C 77 18.41 22.72 6.01
N GLN C 78 18.45 21.42 6.30
CA GLN C 78 17.24 20.63 6.27
C GLN C 78 16.40 21.02 5.05
N THR C 79 16.99 20.84 3.87
CA THR C 79 16.35 21.12 2.60
C THR C 79 16.58 19.93 1.66
N ILE C 80 15.54 19.56 0.87
CA ILE C 80 15.72 18.59 -0.20
C ILE C 80 15.44 19.34 -1.49
N TYR C 81 15.84 18.72 -2.62
CA TYR C 81 15.85 19.41 -3.91
C TYR C 81 15.47 18.41 -5.00
N LEU C 82 14.60 18.83 -5.93
CA LEU C 82 14.43 18.07 -7.16
C LEU C 82 14.83 18.96 -8.32
N GLN C 83 15.85 18.54 -9.06
CA GLN C 83 16.18 19.21 -10.32
C GLN C 83 15.40 18.49 -11.41
N MET C 84 14.59 19.24 -12.13
CA MET C 84 13.65 18.66 -13.06
C MET C 84 14.00 19.17 -14.44
N ASP C 85 14.70 18.32 -15.21
CA ASP C 85 15.11 18.65 -16.58
C ASP C 85 14.29 17.84 -17.56
N ASN C 86 14.38 18.23 -18.83
CA ASN C 86 13.71 17.56 -19.91
C ASN C 86 12.22 17.34 -19.61
N LEU C 87 11.49 18.42 -19.27
CA LEU C 87 10.09 18.29 -18.86
C LEU C 87 9.18 18.03 -20.05
N LYS C 88 8.04 17.42 -19.78
CA LYS C 88 7.06 17.05 -20.80
C LYS C 88 5.71 17.48 -20.27
N SER C 89 4.68 17.50 -21.11
CA SER C 89 3.42 18.09 -20.68
C SER C 89 2.80 17.17 -19.64
N GLU C 90 3.15 15.88 -19.67
CA GLU C 90 2.52 14.89 -18.80
C GLU C 90 3.05 15.00 -17.37
N ASP C 91 4.08 15.83 -17.18
CA ASP C 91 4.61 16.10 -15.85
C ASP C 91 3.87 17.26 -15.18
N THR C 92 2.97 17.93 -15.92
CA THR C 92 2.20 18.96 -15.28
C THR C 92 1.47 18.39 -14.08
N ALA C 93 1.62 19.03 -12.93
CA ALA C 93 0.90 18.57 -11.77
C ALA C 93 1.19 19.48 -10.58
N VAL C 94 0.53 19.18 -9.45
CA VAL C 94 0.91 19.69 -8.14
C VAL C 94 1.86 18.69 -7.55
N TYR C 95 3.05 19.18 -7.11
CA TYR C 95 4.09 18.37 -6.52
C TYR C 95 4.08 18.67 -5.01
N TYR C 96 4.24 17.63 -4.22
CA TYR C 96 4.13 17.74 -2.77
C TYR C 96 5.40 17.21 -2.14
N CYS C 97 6.00 18.06 -1.32
CA CYS C 97 7.05 17.64 -0.41
C CYS C 97 6.50 16.61 0.58
N TYR C 98 7.33 15.61 0.89
CA TYR C 98 6.96 14.56 1.81
C TYR C 98 8.10 14.15 2.75
N GLY C 99 7.74 13.81 3.99
CA GLY C 99 8.69 13.28 4.96
C GLY C 99 8.04 12.28 5.89
N SER C 100 8.73 11.17 6.18
CA SER C 100 8.47 10.40 7.38
C SER C 100 9.67 10.63 8.30
N LEU C 101 9.38 11.21 9.46
CA LEU C 101 10.38 11.76 10.35
C LEU C 101 10.14 11.19 11.73
N LEU C 102 11.22 10.96 12.47
CA LEU C 102 11.09 10.74 13.89
C LEU C 102 11.30 12.08 14.53
N GLU C 103 10.29 12.52 15.30
CA GLU C 103 10.43 13.71 16.13
C GLU C 103 11.28 13.30 17.32
N THR C 104 12.30 14.12 17.58
CA THR C 104 13.34 13.82 18.54
C THR C 104 12.77 13.32 19.87
N GLY C 105 11.59 13.83 20.25
CA GLY C 105 10.78 13.25 21.30
C GLY C 105 10.70 11.72 21.31
N THR C 106 9.78 11.11 20.55
CA THR C 106 9.43 9.70 20.73
C THR C 106 10.04 8.82 19.63
N PHE C 107 9.47 7.62 19.55
CA PHE C 107 9.89 6.54 18.70
C PHE C 107 8.89 6.32 17.57
N GLN C 108 7.73 7.02 17.61
CA GLN C 108 6.74 6.93 16.54
C GLN C 108 7.14 7.88 15.42
N TYR C 109 6.93 7.45 14.18
CA TYR C 109 7.16 8.27 13.01
C TYR C 109 5.89 9.08 12.69
N ARG C 110 6.10 10.34 12.31
CA ARG C 110 5.05 11.24 11.87
C ARG C 110 5.28 11.59 10.40
N GLU C 111 4.25 11.33 9.58
CA GLU C 111 4.20 11.78 8.19
C GLU C 111 3.81 13.26 8.12
N TYR C 112 4.45 13.95 7.18
CA TYR C 112 4.27 15.37 6.92
C TYR C 112 4.29 15.57 5.41
N TRP C 113 3.28 16.32 4.95
CA TRP C 113 3.13 16.81 3.59
C TRP C 113 3.31 18.31 3.53
N GLY C 114 3.98 18.79 2.49
CA GLY C 114 3.93 20.20 2.16
C GLY C 114 2.60 20.53 1.50
N GLN C 115 2.40 21.82 1.23
CA GLN C 115 1.09 22.26 0.81
C GLN C 115 0.93 22.14 -0.70
N GLY C 116 2.04 21.85 -1.40
CA GLY C 116 1.99 21.64 -2.83
C GLY C 116 2.55 22.84 -3.59
N THR C 117 3.04 22.56 -4.81
CA THR C 117 3.66 23.48 -5.72
C THR C 117 3.26 23.15 -7.16
N GLN C 118 2.79 24.16 -7.89
CA GLN C 118 2.28 24.00 -9.23
C GLN C 118 3.44 23.90 -10.22
N VAL C 119 3.41 22.86 -11.06
CA VAL C 119 4.34 22.68 -12.15
C VAL C 119 3.53 22.57 -13.42
N THR C 120 3.58 23.60 -14.29
CA THR C 120 2.84 23.56 -15.53
C THR C 120 3.84 23.48 -16.69
N VAL C 121 3.57 22.56 -17.66
CA VAL C 121 4.45 22.31 -18.80
C VAL C 121 3.63 22.38 -20.09
N SER C 122 3.58 23.57 -20.72
CA SER C 122 2.72 23.70 -21.89
C SER C 122 3.38 24.58 -22.93
N SER C 123 2.97 24.32 -24.20
CA SER C 123 3.36 25.06 -25.39
C SER C 123 4.89 25.00 -25.56
N DAL D 1 -19.90 -13.92 17.57
CA DAL D 1 -19.21 -13.67 18.86
CB DAL D 1 -18.81 -12.18 18.96
C DAL D 1 -18.04 -14.64 19.24
O DAL D 1 -18.17 -15.83 19.63
N LEU D 2 -16.87 -14.00 19.20
CA LEU D 2 -15.66 -14.44 19.88
C LEU D 2 -14.77 -13.20 19.98
C ACB D 3 -12.69 -11.78 17.69
O ACB D 3 -12.90 -12.76 17.01
OXT ACB D 3 -11.51 -11.14 17.56
CA ACB D 3 -13.75 -11.32 18.66
N ACB D 3 -14.72 -12.39 18.88
CB ACB D 3 -14.40 -10.01 18.21
CG ACB D 3 -14.87 -10.07 16.77
OD1 ACB D 3 -15.56 -10.99 16.40
C4 ACB D 3 -15.57 -9.60 19.10
N ARG D 4 -14.45 -9.08 15.99
CA ARG D 4 -14.63 -8.99 14.55
C ARG D 4 -13.46 -9.53 13.71
C1 1ZN D 5 -11.72 -4.34 15.71
O1 1ZN D 5 -10.47 -3.89 16.27
C2 1ZN D 5 -9.35 -4.16 15.42
C3 1ZN D 5 -8.63 -2.80 15.22
C4 1ZN D 5 -7.39 -2.88 14.34
C5 1ZN D 5 -6.20 -2.30 14.77
C6 1ZN D 5 -5.07 -2.43 13.94
C7 1ZN D 5 -5.06 -3.10 12.70
C8 1ZN D 5 -6.24 -3.66 12.31
C9 1ZN D 5 -7.39 -3.54 13.10
C10 1ZN D 5 -8.61 -5.43 15.97
C11 1ZN D 5 -8.27 -5.37 17.47
C12 1ZN D 5 -9.50 -6.66 15.67
C13 1ZN D 5 -9.21 -7.83 14.99
C14 1ZN D 5 -7.83 -8.13 14.47
C15 1ZN D 5 -10.30 -8.81 14.74
C16 1ZN D 5 -10.17 -9.88 13.94
CA 1ZN D 5 -11.35 -10.79 13.63
N 1ZN D 5 -12.58 -10.35 14.28
C18 1ZN D 5 -11.14 -12.27 13.95
C19 1ZN D 5 -9.82 -12.70 13.30
C 1ZN D 5 -12.31 -13.03 13.37
O 1ZN D 5 -12.41 -13.05 12.14
N FGA D 6 -13.23 -13.60 14.18
CA FGA D 6 -14.44 -14.24 13.65
C FGA D 6 -14.18 -15.70 13.44
O FGA D 6 -13.87 -16.11 12.34
CB FGA D 6 -15.72 -14.09 14.50
CG FGA D 6 -17.02 -13.70 13.74
CD FGA D 6 -18.23 -14.65 13.88
OE1 FGA D 6 -18.11 -15.85 13.67
OXT FGA D 6 -14.28 -16.58 14.45
N MAA D 7 -19.44 -14.17 14.29
CM MAA D 7 -20.12 -12.99 13.71
CA MAA D 7 -19.89 -14.88 15.35
CB MAA D 7 -20.79 -15.86 15.29
C MAA D 7 -19.25 -14.55 16.60
O MAA D 7 -18.07 -14.87 16.71
N DAL E 1 -3.97 -5.65 -31.00
CA DAL E 1 -5.08 -4.88 -31.57
CB DAL E 1 -5.15 -3.44 -31.03
C DAL E 1 -6.44 -5.51 -31.42
O DAL E 1 -7.30 -4.80 -31.00
N LEU E 2 -6.74 -6.79 -31.78
CA LEU E 2 -8.14 -7.23 -31.70
C LEU E 2 -8.91 -6.74 -30.48
C ACB E 3 -9.27 -8.42 -27.31
O ACB E 3 -9.60 -9.50 -27.76
OXT ACB E 3 -8.86 -8.45 -26.04
CA ACB E 3 -9.26 -7.09 -28.04
N ACB E 3 -8.52 -7.22 -29.29
CB ACB E 3 -8.60 -6.06 -27.10
CG ACB E 3 -7.17 -6.44 -26.82
OD1 ACB E 3 -6.49 -7.13 -27.61
C4 ACB E 3 -8.56 -4.58 -27.55
N ARG E 4 -6.71 -6.00 -25.66
CA ARG E 4 -5.37 -6.36 -25.22
C ARG E 4 -5.48 -7.56 -24.35
C1 1ZN E 5 -6.96 -3.50 -20.78
O1 1ZN E 5 -7.97 -3.75 -19.82
C2 1ZN E 5 -7.70 -4.63 -18.74
C3 1ZN E 5 -7.79 -3.89 -17.40
C4 1ZN E 5 -7.76 -4.87 -16.24
C5 1ZN E 5 -8.59 -4.67 -15.14
C6 1ZN E 5 -8.60 -5.59 -14.10
C7 1ZN E 5 -7.75 -6.69 -14.12
C8 1ZN E 5 -6.91 -6.89 -15.18
C9 1ZN E 5 -6.89 -5.98 -16.23
C10 1ZN E 5 -8.73 -5.71 -18.91
C11 1ZN E 5 -10.11 -5.02 -18.87
C12 1ZN E 5 -8.35 -6.31 -20.23
C13 1ZN E 5 -8.51 -7.57 -20.63
C14 1ZN E 5 -9.03 -8.64 -19.67
C15 1ZN E 5 -7.89 -7.88 -21.98
C16 1ZN E 5 -7.50 -9.15 -22.30
CA 1ZN E 5 -6.75 -9.49 -23.54
N 1ZN E 5 -6.60 -8.28 -24.34
C18 1ZN E 5 -7.41 -10.59 -24.34
C19 1ZN E 5 -7.77 -11.68 -23.34
C 1ZN E 5 -6.54 -11.18 -25.44
O 1ZN E 5 -6.07 -12.29 -25.26
N FGA E 6 -6.34 -10.55 -26.59
CA FGA E 6 -5.65 -11.23 -27.70
C FGA E 6 -6.49 -12.36 -28.30
O FGA E 6 -7.79 -12.26 -28.46
CB FGA E 6 -5.34 -10.23 -28.81
CG FGA E 6 -3.95 -9.62 -28.68
CD FGA E 6 -3.73 -8.74 -29.88
OE1 FGA E 6 -4.67 -8.64 -30.67
OXT FGA E 6 -6.03 -13.44 -28.68
N MAA E 7 -2.55 -8.10 -30.04
CM MAA E 7 -1.55 -8.06 -28.98
CA MAA E 7 -2.34 -7.52 -31.24
CB MAA E 7 -1.30 -7.89 -31.97
C MAA E 7 -3.28 -6.52 -31.77
O MAA E 7 -3.47 -6.60 -32.97
N DAL F 1 26.34 10.06 12.05
CA DAL F 1 27.09 11.31 11.85
CB DAL F 1 26.42 12.52 12.56
C DAL F 1 27.37 11.73 10.44
O DAL F 1 27.45 12.96 10.27
N LEU F 2 27.57 10.79 9.46
CA LEU F 2 27.85 11.11 8.03
C LEU F 2 26.87 12.13 7.58
C ACB F 3 23.56 11.59 6.48
O ACB F 3 22.76 12.16 5.62
OXT ACB F 3 23.60 10.36 6.61
CA ACB F 3 24.47 12.47 7.26
N ACB F 3 25.61 11.67 7.56
CB ACB F 3 23.97 12.97 8.63
CG ACB F 3 22.78 12.24 9.11
OD1 ACB F 3 22.98 11.32 9.90
C4 ACB F 3 23.70 14.46 8.64
N ARG F 4 21.60 12.69 8.69
CA ARG F 4 20.38 12.26 9.31
C ARG F 4 19.53 11.43 8.41
C1 1ZN F 5 16.62 16.45 8.29
O1 1ZN F 5 16.83 17.23 7.11
C2 1ZN F 5 15.94 16.74 6.11
C3 1ZN F 5 14.87 17.82 5.99
C4 1ZN F 5 13.61 17.33 5.26
C5 1ZN F 5 13.07 18.15 4.26
C6 1ZN F 5 11.95 17.74 3.59
C7 1ZN F 5 11.37 16.49 3.90
C8 1ZN F 5 11.91 15.65 4.86
C9 1ZN F 5 13.02 16.10 5.55
C10 1ZN F 5 16.74 16.29 4.86
C11 1ZN F 5 17.55 17.47 4.30
C12 1ZN F 5 17.56 15.11 5.34
C13 1ZN F 5 17.67 13.84 4.80
C14 1ZN F 5 17.02 13.39 3.56
C15 1ZN F 5 18.44 12.82 5.57
C16 1ZN F 5 18.46 11.51 5.29
CA 1ZN F 5 19.22 10.51 6.17
N 1ZN F 5 19.98 11.19 7.18
C18 1ZN F 5 20.17 9.62 5.38
C19 1ZN F 5 19.62 9.20 4.03
C 1ZN F 5 20.45 8.40 6.22
O 1ZN F 5 19.62 7.48 6.32
N FGA F 6 21.61 8.43 6.84
CA FGA F 6 21.95 7.47 7.86
C FGA F 6 22.42 6.18 7.24
O FGA F 6 22.01 5.06 7.60
CB FGA F 6 22.98 8.12 8.77
CG FGA F 6 22.56 8.13 10.24
CD FGA F 6 23.47 7.21 11.03
OE1 FGA F 6 23.36 6.02 10.81
OXT FGA F 6 23.30 6.26 6.28
N MAA F 7 24.31 7.72 11.96
CM MAA F 7 23.82 8.15 13.27
CA MAA F 7 25.61 7.77 11.67
CB MAA F 7 26.35 6.70 11.90
C MAA F 7 26.14 9.04 11.16
O MAA F 7 26.44 9.08 9.97
#